data_7YLO
#
_entry.id   7YLO
#
_cell.length_a   135.179
_cell.length_b   135.179
_cell.length_c   83.979
_cell.angle_alpha   90.000
_cell.angle_beta   90.000
_cell.angle_gamma   120.000
#
_symmetry.space_group_name_H-M   'P 3 2 1'
#
loop_
_entity.id
_entity.type
_entity.pdbx_description
1 polymer 'Dyp-type peroxidase'
2 non-polymer 'PROTOPORPHYRIN IX CONTAINING FE'
3 water water
#
_entity_poly.entity_id   1
_entity_poly.type   'polypeptide(L)'
_entity_poly.pdbx_seq_one_letter_code
;(MSE)SVNPQRSQDVYRDAGKNVLFL(MSE)LSLNRQDQTNEKAAVEETADRLQAIKRSLNVRYPDSHLRIACGISSKAW
DYLFPQAPKPKELEDFTGIKGDKYDAPGTPADLFFHVRADDQSLTYEVIDEI(MSE)TFLRPVTKVVDETHGFRYFEGRA
IIGFVDGTENPVDADAVEWGIIHEEDPEFENGSYAFAQKYLHQ(MSE)DAWKSLSTEQQEQVIGRRKFTDLEQGDEDKNQ
RAHNVVSQDNRNDVEHKIIR(MSE)NVPFSDPGENVTGTYFIGYGRYWDVTKT(MSE)LTN(MSE)FTKNDLLLDYSTPV
NGQVFFIPSIDTLDKIADDEY
;
_entity_poly.pdbx_strand_id   A,B
#
# COMPACT_ATOMS: atom_id res chain seq x y z
N VAL A 3 -0.42 -2.42 -37.47
CA VAL A 3 -0.29 -2.37 -35.99
C VAL A 3 0.61 -1.20 -35.60
N ASN A 4 0.21 -0.41 -34.59
CA ASN A 4 1.06 0.61 -34.03
C ASN A 4 0.99 0.57 -32.50
N PRO A 5 2.04 0.07 -31.81
CA PRO A 5 2.01 0.06 -30.34
C PRO A 5 1.95 1.44 -29.69
N GLN A 6 2.23 2.52 -30.41
CA GLN A 6 2.13 3.87 -29.86
C GLN A 6 0.67 4.28 -29.65
N ARG A 7 -0.28 3.56 -30.24
CA ARG A 7 -1.69 3.84 -30.09
C ARG A 7 -2.30 2.86 -29.10
N SER A 8 -1.47 2.03 -28.42
CA SER A 8 -1.97 1.13 -27.39
C SER A 8 -1.96 1.85 -26.05
N GLN A 9 -2.79 1.41 -25.09
CA GLN A 9 -2.59 1.75 -23.69
C GLN A 9 -1.34 1.00 -23.23
N ASP A 10 -0.98 1.08 -21.92
CA ASP A 10 0.25 0.46 -21.41
C ASP A 10 0.02 -1.01 -21.07
N VAL A 11 -0.02 -1.85 -22.12
CA VAL A 11 -0.41 -3.25 -21.98
C VAL A 11 0.78 -4.21 -22.05
N TYR A 12 2.00 -3.75 -22.37
CA TYR A 12 2.92 -4.68 -22.99
C TYR A 12 4.30 -4.76 -22.33
N ARG A 13 4.54 -4.02 -21.22
CA ARG A 13 5.89 -3.86 -20.70
C ARG A 13 5.96 -3.93 -19.17
N ASP A 14 5.85 -2.78 -18.47
CA ASP A 14 6.34 -2.61 -17.12
C ASP A 14 5.24 -2.80 -16.08
N ALA A 15 5.48 -3.75 -15.16
CA ALA A 15 4.55 -4.07 -14.09
C ALA A 15 4.67 -3.07 -12.93
N GLY A 16 5.86 -2.48 -12.73
CA GLY A 16 5.99 -1.32 -11.88
C GLY A 16 6.21 -1.62 -10.39
N LYS A 17 6.83 -0.66 -9.74
CA LYS A 17 7.28 -0.79 -8.38
C LYS A 17 6.11 -0.65 -7.39
N ASN A 18 5.12 0.18 -7.75
CA ASN A 18 3.92 0.42 -6.95
C ASN A 18 2.70 0.28 -7.86
N VAL A 19 1.71 -0.51 -7.42
CA VAL A 19 0.62 -0.91 -8.30
C VAL A 19 -0.73 -0.71 -7.61
N LEU A 20 -1.72 -0.25 -8.41
CA LEU A 20 -3.09 -0.17 -7.96
C LEU A 20 -3.99 -0.91 -8.97
N PHE A 21 -4.83 -1.83 -8.45
CA PHE A 21 -5.82 -2.56 -9.24
C PHE A 21 -7.22 -2.16 -8.74
N LEU A 22 -8.10 -1.70 -9.65
CA LEU A 22 -9.44 -1.26 -9.29
C LEU A 22 -10.46 -1.87 -10.25
N LEU A 24 -14.66 -1.76 -10.85
CA LEU A 24 -15.88 -1.01 -10.60
C LEU A 24 -17.07 -1.68 -11.31
N SER A 25 -18.27 -1.62 -10.69
CA SER A 25 -19.50 -1.88 -11.43
C SER A 25 -20.27 -0.59 -11.68
N LEU A 26 -21.02 -0.54 -12.81
CA LEU A 26 -21.92 0.57 -13.10
C LEU A 26 -23.18 0.38 -12.28
N ASN A 27 -23.82 1.49 -11.90
CA ASN A 27 -24.96 1.43 -10.99
C ASN A 27 -26.21 0.80 -11.65
N ARG A 28 -26.37 0.89 -12.98
CA ARG A 28 -27.52 0.33 -13.70
C ARG A 28 -28.84 0.95 -13.22
N GLN A 29 -28.76 2.27 -12.89
CA GLN A 29 -29.87 3.09 -12.43
C GLN A 29 -30.33 4.09 -13.50
N ASP A 30 -29.38 4.55 -14.34
CA ASP A 30 -29.65 5.56 -15.36
C ASP A 30 -28.59 5.43 -16.46
N GLN A 31 -28.93 4.66 -17.51
CA GLN A 31 -28.01 4.29 -18.58
C GLN A 31 -27.41 5.55 -19.22
N THR A 32 -28.24 6.57 -19.48
CA THR A 32 -27.80 7.80 -20.14
C THR A 32 -26.69 8.49 -19.34
N ASN A 33 -26.94 8.74 -18.05
CA ASN A 33 -26.03 9.50 -17.22
C ASN A 33 -24.74 8.70 -16.99
N GLU A 34 -24.88 7.39 -16.83
CA GLU A 34 -23.75 6.48 -16.62
C GLU A 34 -22.88 6.43 -17.88
N LYS A 35 -23.51 6.29 -19.06
CA LYS A 35 -22.80 6.38 -20.31
C LYS A 35 -22.07 7.71 -20.45
N ALA A 36 -22.74 8.80 -20.09
CA ALA A 36 -22.16 10.12 -20.27
C ALA A 36 -20.87 10.25 -19.47
N ALA A 37 -20.80 9.65 -18.28
CA ALA A 37 -19.64 9.73 -17.39
C ALA A 37 -18.49 8.83 -17.85
N VAL A 38 -18.79 7.65 -18.43
CA VAL A 38 -17.76 6.84 -19.07
C VAL A 38 -17.15 7.59 -20.25
N GLU A 39 -17.97 8.34 -21.00
CA GLU A 39 -17.48 9.09 -22.15
C GLU A 39 -16.54 10.23 -21.73
N GLU A 40 -16.93 10.98 -20.68
CA GLU A 40 -16.07 11.99 -20.10
C GLU A 40 -14.76 11.33 -19.65
N THR A 41 -14.86 10.15 -19.01
CA THR A 41 -13.71 9.49 -18.40
C THR A 41 -12.69 9.06 -19.48
N ALA A 42 -13.18 8.60 -20.63
CA ALA A 42 -12.34 8.26 -21.78
C ALA A 42 -11.45 9.43 -22.22
N ASP A 43 -11.93 10.67 -22.11
CA ASP A 43 -11.11 11.84 -22.41
C ASP A 43 -10.23 12.18 -21.20
N ARG A 44 -10.84 12.30 -20.02
CA ARG A 44 -10.16 12.82 -18.84
C ARG A 44 -8.98 11.92 -18.43
N LEU A 45 -9.12 10.62 -18.59
CA LEU A 45 -8.10 9.69 -18.15
C LEU A 45 -6.78 9.89 -18.90
N GLN A 46 -6.86 10.27 -20.17
CA GLN A 46 -5.70 10.53 -21.00
C GLN A 46 -5.07 11.88 -20.62
N ALA A 47 -5.94 12.86 -20.32
CA ALA A 47 -5.54 14.17 -19.86
C ALA A 47 -4.84 14.07 -18.51
N ILE A 48 -5.31 13.18 -17.63
CA ILE A 48 -4.70 13.00 -16.31
C ILE A 48 -3.29 12.43 -16.47
N LYS A 49 -3.14 11.39 -17.30
CA LYS A 49 -1.83 10.84 -17.60
C LYS A 49 -0.90 11.90 -18.21
N ARG A 50 -1.39 12.73 -19.15
CA ARG A 50 -0.54 13.76 -19.75
C ARG A 50 0.06 14.68 -18.66
N SER A 51 -0.81 15.19 -17.79
CA SER A 51 -0.48 16.11 -16.73
C SER A 51 0.54 15.53 -15.76
N LEU A 52 0.33 14.28 -15.31
CA LEU A 52 1.27 13.67 -14.37
C LEU A 52 2.62 13.34 -15.04
N ASN A 53 2.63 12.99 -16.33
CA ASN A 53 3.85 12.78 -17.13
C ASN A 53 4.61 14.09 -17.33
N VAL A 54 3.91 15.23 -17.35
CA VAL A 54 4.58 16.53 -17.33
C VAL A 54 5.18 16.74 -15.94
N ARG A 55 4.42 16.46 -14.86
CA ARG A 55 4.85 16.79 -13.53
C ARG A 55 5.97 15.87 -13.04
N TYR A 56 5.89 14.57 -13.41
CA TYR A 56 6.79 13.57 -12.88
C TYR A 56 7.31 12.71 -14.03
N PRO A 57 8.13 13.25 -14.97
CA PRO A 57 8.51 12.54 -16.20
C PRO A 57 9.46 11.36 -15.97
N ASP A 58 10.10 11.29 -14.80
CA ASP A 58 11.03 10.21 -14.48
C ASP A 58 10.37 9.10 -13.66
N SER A 59 9.04 9.09 -13.50
CA SER A 59 8.43 8.18 -12.54
C SER A 59 7.72 6.99 -13.20
N HIS A 60 7.87 6.81 -14.52
CA HIS A 60 7.38 5.66 -15.27
C HIS A 60 5.89 5.40 -15.04
N LEU A 61 5.06 6.45 -15.10
CA LEU A 61 3.62 6.28 -14.94
C LEU A 61 3.11 5.39 -16.08
N ARG A 62 2.40 4.30 -15.73
CA ARG A 62 1.78 3.40 -16.70
C ARG A 62 0.32 3.18 -16.30
N ILE A 63 -0.60 3.23 -17.28
CA ILE A 63 -2.03 3.02 -17.06
C ILE A 63 -2.63 2.11 -18.15
N ALA A 64 -3.47 1.14 -17.71
CA ALA A 64 -4.39 0.41 -18.59
C ALA A 64 -5.79 0.41 -17.98
N CYS A 65 -6.78 0.84 -18.77
CA CYS A 65 -8.18 0.89 -18.34
C CYS A 65 -9.01 0.02 -19.26
N GLY A 66 -9.97 -0.74 -18.70
CA GLY A 66 -10.70 -1.75 -19.45
C GLY A 66 -12.22 -1.75 -19.23
N ILE A 67 -12.93 -2.32 -20.22
CA ILE A 67 -14.38 -2.44 -20.23
C ILE A 67 -14.74 -3.92 -20.42
N SER A 68 -15.59 -4.47 -19.53
CA SER A 68 -16.05 -5.85 -19.60
C SER A 68 -17.11 -6.04 -20.69
N SER A 69 -17.41 -7.30 -21.01
CA SER A 69 -18.41 -7.65 -22.02
C SER A 69 -19.78 -7.11 -21.60
N LYS A 70 -20.14 -7.30 -20.33
CA LYS A 70 -21.41 -6.83 -19.81
C LYS A 70 -21.48 -5.32 -19.91
N ALA A 71 -20.40 -4.62 -19.52
CA ALA A 71 -20.42 -3.18 -19.59
C ALA A 71 -20.62 -2.72 -21.03
N TRP A 72 -19.95 -3.36 -21.99
CA TRP A 72 -20.00 -2.99 -23.39
C TRP A 72 -21.43 -3.12 -23.94
N ASP A 73 -22.08 -4.24 -23.64
CA ASP A 73 -23.46 -4.51 -24.08
C ASP A 73 -24.47 -3.51 -23.52
N TYR A 74 -24.25 -3.05 -22.29
CA TYR A 74 -25.10 -2.09 -21.62
C TYR A 74 -24.86 -0.65 -22.10
N LEU A 75 -23.60 -0.24 -22.24
CA LEU A 75 -23.23 1.11 -22.66
C LEU A 75 -23.41 1.29 -24.17
N PHE A 76 -22.98 0.31 -24.95
CA PHE A 76 -22.85 0.43 -26.40
C PHE A 76 -23.68 -0.63 -27.11
N PRO A 77 -24.99 -0.72 -26.82
CA PRO A 77 -25.80 -1.81 -27.38
C PRO A 77 -25.89 -1.82 -28.90
N GLN A 78 -25.82 -0.63 -29.53
CA GLN A 78 -26.04 -0.51 -30.97
C GLN A 78 -24.73 -0.68 -31.77
N ALA A 79 -23.60 -0.95 -31.09
CA ALA A 79 -22.27 -0.75 -31.67
C ALA A 79 -21.54 -2.05 -31.98
N PRO A 80 -20.48 -2.01 -32.85
CA PRO A 80 -19.53 -3.11 -32.98
C PRO A 80 -18.92 -3.47 -31.63
N LYS A 81 -18.47 -4.71 -31.54
CA LYS A 81 -17.87 -5.25 -30.34
C LYS A 81 -16.59 -5.95 -30.73
N PRO A 82 -15.50 -5.85 -29.93
CA PRO A 82 -14.30 -6.65 -30.20
C PRO A 82 -14.65 -8.14 -30.31
N LYS A 83 -14.01 -8.78 -31.29
CA LYS A 83 -14.28 -10.16 -31.71
C LYS A 83 -14.33 -11.14 -30.55
N GLU A 84 -13.37 -11.06 -29.61
CA GLU A 84 -13.19 -12.08 -28.59
C GLU A 84 -13.67 -11.62 -27.21
N LEU A 85 -14.48 -10.55 -27.13
CA LEU A 85 -14.91 -10.01 -25.85
C LEU A 85 -16.14 -10.76 -25.35
N GLU A 86 -15.99 -11.50 -24.24
CA GLU A 86 -17.07 -12.30 -23.67
C GLU A 86 -17.07 -12.18 -22.16
N ASP A 87 -18.17 -12.68 -21.55
CA ASP A 87 -18.34 -12.68 -20.10
C ASP A 87 -17.61 -13.89 -19.52
N PHE A 88 -16.71 -13.67 -18.56
CA PHE A 88 -16.08 -14.77 -17.85
C PHE A 88 -16.92 -15.06 -16.61
N THR A 89 -17.31 -16.34 -16.43
CA THR A 89 -18.15 -16.78 -15.33
C THR A 89 -17.46 -17.82 -14.45
N GLY A 90 -16.13 -17.98 -14.61
CA GLY A 90 -15.39 -18.97 -13.85
C GLY A 90 -15.02 -20.17 -14.72
N ILE A 91 -14.21 -21.06 -14.14
CA ILE A 91 -13.77 -22.28 -14.79
C ILE A 91 -14.03 -23.44 -13.83
N LYS A 92 -14.69 -24.49 -14.34
CA LYS A 92 -14.90 -25.71 -13.62
C LYS A 92 -13.69 -26.60 -13.87
N GLY A 93 -12.91 -26.88 -12.82
CA GLY A 93 -11.66 -27.60 -12.99
C GLY A 93 -11.76 -29.00 -12.42
N ASP A 94 -10.61 -29.66 -12.23
CA ASP A 94 -10.64 -30.97 -11.62
C ASP A 94 -10.60 -30.81 -10.10
N LYS A 95 -9.41 -30.59 -9.55
CA LYS A 95 -9.25 -30.49 -8.10
C LYS A 95 -9.85 -29.16 -7.62
N TYR A 96 -9.69 -28.09 -8.42
CA TYR A 96 -10.03 -26.74 -8.01
C TYR A 96 -10.88 -26.03 -9.07
N ASP A 97 -11.81 -25.18 -8.62
CA ASP A 97 -12.56 -24.27 -9.47
C ASP A 97 -12.00 -22.85 -9.33
N ALA A 98 -12.33 -22.01 -10.32
CA ALA A 98 -12.09 -20.57 -10.29
C ALA A 98 -13.45 -19.86 -10.39
N PRO A 99 -13.73 -18.83 -9.56
CA PRO A 99 -14.98 -18.05 -9.65
C PRO A 99 -14.90 -16.96 -10.73
N GLY A 100 -16.07 -16.57 -11.24
CA GLY A 100 -16.24 -15.34 -12.01
C GLY A 100 -16.79 -14.22 -11.13
N THR A 101 -16.36 -12.98 -11.41
CA THR A 101 -16.79 -11.82 -10.66
C THR A 101 -17.44 -10.85 -11.63
N PRO A 102 -18.74 -10.53 -11.49
CA PRO A 102 -19.33 -9.43 -12.25
C PRO A 102 -18.60 -8.11 -12.00
N ALA A 103 -18.19 -7.44 -13.09
CA ALA A 103 -17.55 -6.14 -13.01
C ALA A 103 -17.66 -5.47 -14.37
N ASP A 104 -17.56 -4.13 -14.39
CA ASP A 104 -17.77 -3.34 -15.62
C ASP A 104 -16.54 -2.55 -16.10
N LEU A 105 -15.74 -1.97 -15.18
CA LEU A 105 -14.57 -1.19 -15.56
C LEU A 105 -13.35 -1.68 -14.76
N PHE A 106 -12.16 -1.56 -15.36
CA PHE A 106 -10.91 -2.01 -14.77
C PHE A 106 -9.84 -0.93 -14.94
N PHE A 107 -9.02 -0.74 -13.89
CA PHE A 107 -7.84 0.12 -13.96
C PHE A 107 -6.64 -0.58 -13.35
N HIS A 108 -5.51 -0.50 -14.09
CA HIS A 108 -4.24 -1.05 -13.64
C HIS A 108 -3.23 0.09 -13.73
N VAL A 109 -2.87 0.66 -12.57
CA VAL A 109 -2.07 1.87 -12.48
C VAL A 109 -0.74 1.54 -11.80
N ARG A 110 0.38 1.95 -12.43
CA ARG A 110 1.72 1.57 -12.00
C ARG A 110 2.61 2.81 -12.02
N ALA A 111 3.48 2.95 -11.01
CA ALA A 111 4.47 4.03 -10.97
C ALA A 111 5.59 3.73 -9.97
N ASP A 112 6.66 4.54 -10.11
CA ASP A 112 7.83 4.48 -9.23
C ASP A 112 7.50 4.95 -7.80
N ASP A 113 6.36 5.66 -7.60
CA ASP A 113 5.95 6.20 -6.30
C ASP A 113 4.43 5.99 -6.10
N GLN A 114 4.00 5.65 -4.89
CA GLN A 114 2.59 5.45 -4.59
C GLN A 114 1.76 6.73 -4.74
N SER A 115 2.35 7.90 -4.53
CA SER A 115 1.66 9.18 -4.71
C SER A 115 1.04 9.28 -6.11
N LEU A 116 1.75 8.83 -7.16
CA LEU A 116 1.21 8.93 -8.52
C LEU A 116 0.06 7.92 -8.75
N THR A 117 0.10 6.71 -8.19
CA THR A 117 -1.03 5.79 -8.34
C THR A 117 -2.27 6.30 -7.58
N TYR A 118 -2.08 6.91 -6.39
CA TYR A 118 -3.14 7.55 -5.63
C TYR A 118 -3.82 8.63 -6.47
N GLU A 119 -3.01 9.51 -7.06
CA GLU A 119 -3.49 10.70 -7.75
C GLU A 119 -4.31 10.37 -9.02
N VAL A 120 -3.87 9.37 -9.80
CA VAL A 120 -4.59 8.93 -11.00
C VAL A 120 -6.02 8.52 -10.62
N ILE A 121 -6.15 7.64 -9.62
CA ILE A 121 -7.44 7.10 -9.21
C ILE A 121 -8.25 8.21 -8.56
N ASP A 122 -7.66 8.99 -7.65
CA ASP A 122 -8.41 10.08 -7.04
C ASP A 122 -8.95 11.04 -8.11
N GLU A 123 -8.19 11.35 -9.15
CA GLU A 123 -8.69 12.29 -10.16
C GLU A 123 -9.76 11.63 -11.06
N ILE A 124 -9.59 10.36 -11.47
CA ILE A 124 -10.58 9.64 -12.28
C ILE A 124 -11.93 9.52 -11.53
N THR A 126 -13.45 11.40 -9.49
CA THR A 126 -14.27 12.61 -9.53
C THR A 126 -15.33 12.46 -10.64
N PHE A 127 -15.01 11.77 -11.75
CA PHE A 127 -15.97 11.60 -12.83
C PHE A 127 -16.83 10.35 -12.61
N LEU A 128 -16.29 9.31 -11.97
CA LEU A 128 -16.90 7.98 -11.98
C LEU A 128 -17.59 7.60 -10.66
N ARG A 129 -17.29 8.27 -9.52
CA ARG A 129 -17.90 7.87 -8.25
C ARG A 129 -19.42 8.03 -8.27
N PRO A 130 -20.02 9.06 -8.90
CA PRO A 130 -21.49 9.19 -8.89
C PRO A 130 -22.26 8.12 -9.67
N VAL A 131 -21.56 7.28 -10.46
CA VAL A 131 -22.21 6.29 -11.32
C VAL A 131 -21.66 4.88 -11.11
N THR A 132 -20.86 4.65 -10.05
CA THR A 132 -20.26 3.34 -9.85
C THR A 132 -20.26 2.92 -8.38
N LYS A 133 -19.97 1.63 -8.16
CA LYS A 133 -19.60 1.06 -6.88
C LYS A 133 -18.32 0.24 -7.06
N VAL A 134 -17.59 0.02 -5.98
CA VAL A 134 -16.32 -0.68 -6.06
C VAL A 134 -16.56 -2.18 -5.91
N VAL A 135 -16.01 -2.97 -6.83
CA VAL A 135 -16.04 -4.41 -6.75
C VAL A 135 -14.81 -4.90 -6.00
N ASP A 136 -13.60 -4.54 -6.47
CA ASP A 136 -12.35 -4.84 -5.76
C ASP A 136 -11.38 -3.67 -5.92
N GLU A 137 -10.62 -3.41 -4.86
CA GLU A 137 -9.48 -2.49 -4.89
C GLU A 137 -8.31 -3.18 -4.24
N THR A 138 -7.22 -3.46 -4.99
CA THR A 138 -6.06 -4.09 -4.39
C THR A 138 -4.82 -3.23 -4.64
N HIS A 139 -3.97 -3.09 -3.63
CA HIS A 139 -2.71 -2.37 -3.71
C HIS A 139 -1.56 -3.36 -3.74
N GLY A 140 -0.70 -3.30 -4.78
CA GLY A 140 0.40 -4.23 -4.97
C GLY A 140 1.77 -3.56 -5.08
N PHE A 141 2.83 -4.38 -5.07
CA PHE A 141 4.17 -3.84 -5.08
C PHE A 141 5.11 -4.84 -5.74
N ARG A 142 6.26 -4.36 -6.23
CA ARG A 142 7.36 -5.20 -6.70
C ARG A 142 8.19 -5.70 -5.51
N TYR A 143 8.33 -7.04 -5.40
CA TYR A 143 9.18 -7.67 -4.40
C TYR A 143 10.64 -7.69 -4.89
N PHE A 144 11.54 -8.13 -4.02
CA PHE A 144 12.98 -8.16 -4.32
C PHE A 144 13.29 -8.83 -5.66
N GLU A 145 14.08 -8.13 -6.48
CA GLU A 145 14.52 -8.60 -7.78
C GLU A 145 13.34 -8.96 -8.72
N GLY A 146 12.16 -8.33 -8.59
CA GLY A 146 11.00 -8.67 -9.40
C GLY A 146 10.54 -10.11 -9.19
N ARG A 147 10.80 -10.68 -8.02
CA ARG A 147 10.33 -12.02 -7.71
C ARG A 147 8.85 -11.93 -7.31
N ALA A 148 8.09 -12.98 -7.62
CA ALA A 148 6.75 -13.07 -7.05
C ALA A 148 6.92 -13.30 -5.55
N ILE A 149 5.83 -13.10 -4.80
CA ILE A 149 5.94 -13.13 -3.35
C ILE A 149 6.34 -14.52 -2.86
N ILE A 150 6.14 -15.56 -3.68
CA ILE A 150 6.62 -16.89 -3.38
C ILE A 150 8.15 -17.02 -3.53
N GLY A 151 8.85 -16.04 -4.13
CA GLY A 151 10.31 -15.96 -4.14
C GLY A 151 10.97 -16.41 -5.45
N PHE A 152 10.16 -16.62 -6.51
CA PHE A 152 10.65 -16.97 -7.83
C PHE A 152 10.43 -15.79 -8.76
N VAL A 153 11.37 -15.61 -9.70
CA VAL A 153 11.37 -14.48 -10.60
C VAL A 153 10.08 -14.54 -11.43
N ASP A 154 9.42 -13.39 -11.49
CA ASP A 154 8.15 -13.22 -12.17
C ASP A 154 8.37 -12.66 -13.57
N GLY A 155 8.05 -13.47 -14.59
CA GLY A 155 7.85 -13.02 -15.97
C GLY A 155 8.98 -13.35 -16.95
N THR A 156 9.85 -14.32 -16.62
CA THR A 156 11.05 -14.63 -17.38
C THR A 156 10.69 -15.05 -18.81
N GLU A 157 9.63 -15.85 -18.97
CA GLU A 157 9.25 -16.32 -20.28
C GLU A 157 8.24 -15.40 -20.96
N ASN A 158 8.02 -14.18 -20.44
CA ASN A 158 7.21 -13.20 -21.14
C ASN A 158 7.82 -12.85 -22.51
N PRO A 159 7.03 -12.63 -23.57
CA PRO A 159 7.58 -12.10 -24.82
C PRO A 159 8.05 -10.68 -24.59
N VAL A 160 9.13 -10.26 -25.26
CA VAL A 160 9.72 -8.94 -25.09
C VAL A 160 9.90 -8.29 -26.47
N ASP A 161 10.03 -6.96 -26.51
CA ASP A 161 10.22 -6.23 -27.78
C ASP A 161 9.19 -6.68 -28.83
N ALA A 162 9.59 -7.20 -30.00
CA ALA A 162 8.66 -7.39 -31.11
C ALA A 162 7.67 -8.51 -30.79
N ASP A 163 8.11 -9.48 -30.00
CA ASP A 163 7.28 -10.59 -29.57
C ASP A 163 6.14 -10.07 -28.70
N ALA A 164 6.40 -9.01 -27.90
CA ALA A 164 5.36 -8.45 -27.02
C ALA A 164 4.27 -7.76 -27.83
N VAL A 165 4.65 -7.06 -28.91
CA VAL A 165 3.66 -6.50 -29.79
C VAL A 165 2.86 -7.61 -30.49
N GLU A 166 3.56 -8.60 -31.05
CA GLU A 166 2.98 -9.73 -31.75
C GLU A 166 1.89 -10.38 -30.89
N TRP A 167 2.16 -10.57 -29.58
CA TRP A 167 1.29 -11.35 -28.72
C TRP A 167 0.43 -10.49 -27.80
N GLY A 168 0.66 -9.18 -27.74
CA GLY A 168 0.06 -8.33 -26.72
C GLY A 168 -1.17 -7.57 -27.18
N ILE A 169 -1.25 -7.19 -28.47
CA ILE A 169 -2.22 -6.24 -28.97
C ILE A 169 -2.85 -6.76 -30.26
N ILE A 170 -4.10 -6.34 -30.52
CA ILE A 170 -4.90 -6.73 -31.66
C ILE A 170 -4.31 -6.15 -32.96
N HIS A 171 -4.15 -6.98 -33.98
CA HIS A 171 -3.65 -6.55 -35.30
C HIS A 171 -4.80 -6.46 -36.31
N GLU A 172 -4.54 -6.77 -37.58
CA GLU A 172 -5.47 -6.64 -38.71
C GLU A 172 -6.67 -7.60 -38.69
N GLU A 173 -6.66 -8.63 -37.82
CA GLU A 173 -7.81 -9.54 -37.71
C GLU A 173 -9.10 -8.85 -37.23
N ASP A 174 -9.03 -7.75 -36.46
CA ASP A 174 -10.20 -7.05 -35.94
C ASP A 174 -9.96 -5.54 -36.13
N PRO A 175 -10.00 -5.01 -37.38
CA PRO A 175 -9.48 -3.68 -37.69
C PRO A 175 -10.13 -2.51 -36.93
N GLU A 176 -11.45 -2.57 -36.67
CA GLU A 176 -12.14 -1.58 -35.84
C GLU A 176 -11.41 -1.36 -34.50
N PHE A 177 -10.83 -2.42 -33.93
CA PHE A 177 -10.29 -2.40 -32.58
C PHE A 177 -8.79 -2.70 -32.55
N GLU A 178 -8.11 -2.56 -33.70
CA GLU A 178 -6.66 -2.74 -33.80
C GLU A 178 -5.97 -1.88 -32.74
N ASN A 179 -4.88 -2.42 -32.15
CA ASN A 179 -4.04 -1.89 -31.07
C ASN A 179 -4.75 -1.93 -29.71
N GLY A 180 -5.92 -2.56 -29.63
CA GLY A 180 -6.50 -2.92 -28.33
C GLY A 180 -5.90 -4.21 -27.78
N SER A 181 -6.36 -4.63 -26.59
CA SER A 181 -5.86 -5.79 -25.90
C SER A 181 -7.02 -6.38 -25.07
N TYR A 182 -6.92 -7.66 -24.75
CA TYR A 182 -7.79 -8.30 -23.77
C TYR A 182 -6.98 -8.52 -22.50
N ALA A 183 -7.55 -8.10 -21.34
CA ALA A 183 -6.86 -8.16 -20.05
C ALA A 183 -7.66 -9.02 -19.09
N PHE A 184 -7.04 -10.05 -18.51
CA PHE A 184 -7.70 -10.91 -17.51
C PHE A 184 -7.09 -10.68 -16.13
N ALA A 185 -7.94 -10.25 -15.18
CA ALA A 185 -7.54 -9.95 -13.82
C ALA A 185 -7.98 -11.12 -12.92
N GLN A 186 -7.09 -11.64 -12.07
CA GLN A 186 -7.42 -12.76 -11.21
C GLN A 186 -6.63 -12.68 -9.90
N LYS A 187 -7.33 -12.38 -8.81
CA LYS A 187 -6.68 -12.18 -7.51
C LYS A 187 -6.57 -13.53 -6.80
N TYR A 188 -5.35 -13.92 -6.40
CA TYR A 188 -5.12 -15.15 -5.62
C TYR A 188 -4.62 -14.85 -4.20
N LEU A 189 -5.15 -15.60 -3.21
CA LEU A 189 -4.55 -15.69 -1.89
C LEU A 189 -3.58 -16.87 -1.86
N HIS A 190 -2.40 -16.70 -1.21
CA HIS A 190 -1.48 -17.79 -0.99
C HIS A 190 -1.58 -18.33 0.44
N GLN A 191 -1.19 -19.61 0.57
CA GLN A 191 -1.07 -20.29 1.85
C GLN A 191 0.42 -20.27 2.20
N ASP A 193 2.22 -20.15 4.84
CA ASP A 193 2.75 -21.02 5.89
C ASP A 193 3.13 -22.37 5.28
N ALA A 194 2.20 -22.98 4.53
CA ALA A 194 2.44 -24.24 3.85
C ALA A 194 3.59 -24.13 2.85
N TRP A 195 3.57 -23.04 2.05
CA TRP A 195 4.62 -22.80 1.07
C TRP A 195 5.99 -22.69 1.74
N LYS A 196 6.06 -21.94 2.86
CA LYS A 196 7.33 -21.71 3.54
C LYS A 196 7.88 -23.00 4.16
N SER A 197 7.03 -24.00 4.43
CA SER A 197 7.47 -25.23 5.06
C SER A 197 8.06 -26.22 4.04
N LEU A 198 7.86 -26.00 2.72
CA LEU A 198 8.50 -26.82 1.71
C LEU A 198 10.00 -26.51 1.70
N SER A 199 10.81 -27.50 1.31
CA SER A 199 12.20 -27.28 0.96
C SER A 199 12.30 -26.49 -0.35
N THR A 200 13.48 -25.91 -0.56
CA THR A 200 13.76 -25.17 -1.78
C THR A 200 13.51 -26.06 -2.99
N GLU A 201 13.98 -27.29 -2.91
CA GLU A 201 13.87 -28.26 -3.99
C GLU A 201 12.41 -28.64 -4.25
N GLN A 202 11.58 -28.71 -3.20
CA GLN A 202 10.16 -29.01 -3.34
C GLN A 202 9.44 -27.85 -4.02
N GLN A 203 9.83 -26.60 -3.72
CA GLN A 203 9.27 -25.43 -4.38
C GLN A 203 9.65 -25.40 -5.86
N GLU A 204 10.89 -25.82 -6.16
CA GLU A 204 11.38 -25.83 -7.53
C GLU A 204 10.60 -26.85 -8.38
N GLN A 205 10.15 -27.96 -7.78
CA GLN A 205 9.29 -28.92 -8.47
C GLN A 205 7.93 -28.33 -8.82
N VAL A 206 7.39 -27.50 -7.93
CA VAL A 206 6.08 -26.89 -8.13
C VAL A 206 6.16 -25.92 -9.32
N ILE A 207 7.26 -25.15 -9.40
CA ILE A 207 7.37 -24.07 -10.38
C ILE A 207 7.92 -24.56 -11.72
N GLY A 208 8.95 -25.42 -11.72
CA GLY A 208 9.61 -25.86 -12.94
C GLY A 208 10.91 -25.09 -13.25
N ARG A 209 11.40 -24.30 -12.28
CA ARG A 209 12.67 -23.61 -12.40
C ARG A 209 13.41 -23.56 -11.05
N ARG A 210 14.73 -23.32 -11.12
CA ARG A 210 15.59 -23.15 -9.97
C ARG A 210 15.27 -21.82 -9.32
N LYS A 211 15.36 -21.75 -7.99
CA LYS A 211 14.85 -20.58 -7.29
C LYS A 211 15.84 -19.42 -7.41
N PHE A 212 17.10 -19.64 -7.04
CA PHE A 212 18.07 -18.56 -6.88
C PHE A 212 18.51 -18.02 -8.24
N THR A 213 18.92 -18.92 -9.16
CA THR A 213 19.41 -18.53 -10.48
C THR A 213 18.27 -18.32 -11.48
N ASP A 214 17.09 -18.89 -11.22
CA ASP A 214 15.97 -18.84 -12.16
C ASP A 214 16.25 -19.58 -13.48
N LEU A 215 17.22 -20.48 -13.54
CA LEU A 215 17.39 -21.34 -14.70
C LEU A 215 16.25 -22.35 -14.77
N GLU A 216 15.64 -22.50 -15.96
CA GLU A 216 14.59 -23.48 -16.16
C GLU A 216 15.19 -24.86 -15.87
N GLN A 217 14.41 -25.73 -15.24
CA GLN A 217 14.80 -27.12 -15.08
C GLN A 217 14.80 -27.80 -16.45
N GLY A 218 15.70 -28.77 -16.65
CA GLY A 218 15.62 -29.68 -17.80
C GLY A 218 14.32 -30.47 -17.74
N ASP A 219 13.66 -30.68 -18.88
CA ASP A 219 12.34 -31.29 -18.89
C ASP A 219 12.39 -32.68 -18.23
N GLU A 220 13.55 -33.35 -18.35
CA GLU A 220 13.76 -34.64 -17.73
C GLU A 220 13.53 -34.59 -16.22
N ASP A 221 13.85 -33.45 -15.58
CA ASP A 221 13.73 -33.28 -14.13
C ASP A 221 12.43 -32.64 -13.70
N LYS A 222 11.60 -32.12 -14.62
CA LYS A 222 10.37 -31.44 -14.21
C LYS A 222 9.30 -32.44 -13.78
N ASN A 223 8.48 -32.03 -12.78
CA ASN A 223 7.15 -32.59 -12.59
C ASN A 223 6.26 -32.15 -13.77
N GLN A 224 5.43 -33.07 -14.29
CA GLN A 224 4.55 -32.78 -15.40
C GLN A 224 3.39 -31.86 -14.99
N ARG A 225 3.11 -31.71 -13.68
CA ARG A 225 2.12 -30.75 -13.20
C ARG A 225 2.77 -29.44 -12.73
N ALA A 226 4.05 -29.23 -13.03
CA ALA A 226 4.72 -27.99 -12.69
C ALA A 226 4.07 -26.81 -13.40
N HIS A 227 4.07 -25.65 -12.72
CA HIS A 227 3.38 -24.48 -13.20
C HIS A 227 3.81 -24.11 -14.62
N ASN A 228 5.11 -24.13 -14.91
CA ASN A 228 5.57 -23.69 -16.23
C ASN A 228 5.38 -24.75 -17.32
N VAL A 229 4.82 -25.92 -16.99
CA VAL A 229 4.43 -26.91 -17.99
C VAL A 229 2.94 -26.76 -18.34
N VAL A 230 2.06 -26.82 -17.35
CA VAL A 230 0.63 -26.89 -17.59
C VAL A 230 0.07 -25.54 -18.04
N SER A 231 0.67 -24.44 -17.57
CA SER A 231 0.23 -23.08 -17.91
C SER A 231 0.48 -22.71 -19.38
N GLN A 232 1.25 -23.50 -20.14
CA GLN A 232 1.51 -23.24 -21.55
C GLN A 232 0.27 -23.49 -22.43
N ASP A 233 0.26 -22.85 -23.62
CA ASP A 233 -0.69 -23.08 -24.70
C ASP A 233 0.14 -23.40 -25.94
N ASN A 234 0.19 -24.68 -26.30
CA ASN A 234 1.06 -25.16 -27.37
C ASN A 234 0.26 -25.73 -28.55
N ARG A 235 -1.04 -25.40 -28.63
CA ARG A 235 -1.93 -25.90 -29.67
C ARG A 235 -1.33 -25.72 -31.07
N ASN A 236 -1.47 -26.76 -31.89
CA ASN A 236 -1.11 -26.76 -33.30
C ASN A 236 0.41 -26.69 -33.47
N ASP A 237 1.16 -27.08 -32.42
CA ASP A 237 2.61 -26.94 -32.33
C ASP A 237 3.06 -25.47 -32.48
N VAL A 238 2.26 -24.54 -31.97
CA VAL A 238 2.65 -23.14 -31.81
C VAL A 238 2.72 -22.83 -30.32
N GLU A 239 3.75 -22.09 -29.88
CA GLU A 239 3.87 -21.70 -28.49
C GLU A 239 3.27 -20.31 -28.27
N HIS A 240 1.97 -20.28 -27.96
CA HIS A 240 1.17 -19.06 -27.80
C HIS A 240 1.58 -18.33 -26.52
N LYS A 241 1.61 -16.98 -26.58
CA LYS A 241 2.05 -16.16 -25.47
C LYS A 241 1.00 -15.10 -25.09
N ILE A 242 1.10 -14.63 -23.83
CA ILE A 242 0.52 -13.39 -23.37
C ILE A 242 1.54 -12.64 -22.52
N ILE A 243 1.19 -11.43 -22.09
CA ILE A 243 2.10 -10.64 -21.26
C ILE A 243 1.58 -10.66 -19.82
N ARG A 244 2.31 -11.35 -18.93
CA ARG A 244 1.95 -11.50 -17.53
C ARG A 244 2.70 -10.46 -16.70
N ASN A 246 2.28 -10.04 -13.15
CA ASN A 246 1.82 -10.44 -11.82
C ASN A 246 2.47 -9.62 -10.71
N VAL A 247 1.73 -9.47 -9.58
CA VAL A 247 1.99 -8.44 -8.59
C VAL A 247 1.72 -9.01 -7.19
N PRO A 248 2.72 -9.09 -6.29
CA PRO A 248 2.44 -9.32 -4.86
C PRO A 248 1.49 -8.28 -4.24
N PHE A 249 0.61 -8.72 -3.31
CA PHE A 249 -0.10 -7.84 -2.39
C PHE A 249 -0.03 -8.48 -1.01
N SER A 250 -0.01 -7.70 0.07
CA SER A 250 0.16 -8.26 1.40
C SER A 250 -0.26 -7.26 2.47
N ASP A 251 -0.96 -7.82 3.48
CA ASP A 251 -1.01 -7.23 4.82
C ASP A 251 -0.20 -8.17 5.71
N PRO A 252 1.13 -7.92 5.88
CA PRO A 252 2.00 -8.88 6.55
C PRO A 252 1.86 -8.96 8.07
N GLY A 253 1.31 -7.92 8.70
CA GLY A 253 0.87 -8.04 10.09
C GLY A 253 -0.23 -9.10 10.27
N GLU A 254 -1.30 -8.98 9.48
CA GLU A 254 -2.43 -9.91 9.49
C GLU A 254 -2.10 -11.27 8.87
N ASN A 255 -0.96 -11.41 8.17
CA ASN A 255 -0.62 -12.64 7.46
C ASN A 255 -1.63 -12.94 6.34
N VAL A 256 -2.01 -11.91 5.57
CA VAL A 256 -2.85 -12.08 4.40
C VAL A 256 -2.06 -11.61 3.17
N THR A 257 -1.61 -12.59 2.38
CA THR A 257 -0.65 -12.36 1.31
C THR A 257 -1.08 -13.12 0.05
N GLY A 258 -0.85 -12.51 -1.13
CA GLY A 258 -1.22 -13.15 -2.38
C GLY A 258 -0.54 -12.55 -3.61
N THR A 259 -0.96 -13.03 -4.78
CA THR A 259 -0.54 -12.56 -6.07
C THR A 259 -1.78 -12.16 -6.86
N TYR A 260 -1.75 -10.96 -7.44
CA TYR A 260 -2.82 -10.50 -8.30
C TYR A 260 -2.32 -10.74 -9.72
N PHE A 261 -2.89 -11.72 -10.41
CA PHE A 261 -2.55 -12.01 -11.79
C PHE A 261 -3.19 -10.95 -12.70
N ILE A 262 -2.39 -10.46 -13.65
CA ILE A 262 -2.88 -9.60 -14.74
C ILE A 262 -2.14 -10.03 -16.02
N GLY A 263 -2.93 -10.44 -17.02
CA GLY A 263 -2.42 -10.96 -18.28
C GLY A 263 -3.08 -10.29 -19.49
N TYR A 264 -2.24 -9.67 -20.32
CA TYR A 264 -2.67 -8.91 -21.47
C TYR A 264 -2.36 -9.74 -22.71
N GLY A 265 -3.35 -9.91 -23.58
CA GLY A 265 -3.12 -10.67 -24.81
C GLY A 265 -3.84 -10.09 -26.01
N ARG A 266 -3.26 -10.32 -27.19
CA ARG A 266 -3.92 -10.18 -28.48
C ARG A 266 -5.13 -11.09 -28.58
N TYR A 267 -5.04 -12.29 -28.00
CA TYR A 267 -6.10 -13.28 -28.05
C TYR A 267 -6.58 -13.68 -26.64
N TRP A 268 -7.81 -13.31 -26.28
CA TRP A 268 -8.46 -13.85 -25.09
C TRP A 268 -8.48 -15.38 -25.13
N ASP A 269 -8.61 -15.95 -26.33
CA ASP A 269 -8.61 -17.39 -26.55
C ASP A 269 -7.35 -18.05 -25.99
N VAL A 270 -6.21 -17.34 -25.96
CA VAL A 270 -4.96 -17.94 -25.48
C VAL A 270 -4.98 -17.97 -23.96
N THR A 271 -5.23 -16.83 -23.33
CA THR A 271 -5.38 -16.77 -21.88
C THR A 271 -6.35 -17.84 -21.35
N LYS A 272 -7.52 -17.97 -22.02
CA LYS A 272 -8.61 -18.82 -21.53
C LYS A 272 -8.18 -20.30 -21.59
N THR A 273 -7.40 -20.64 -22.64
CA THR A 273 -6.84 -21.96 -22.82
C THR A 273 -5.78 -22.27 -21.76
N LEU A 275 -5.62 -21.01 -18.79
CA LEU A 275 -6.36 -21.07 -17.55
C LEU A 275 -7.10 -22.41 -17.43
N THR A 276 -7.71 -22.86 -18.53
CA THR A 276 -8.37 -24.16 -18.60
C THR A 276 -7.37 -25.30 -18.36
N ASN A 277 -6.20 -25.25 -19.02
CA ASN A 277 -5.14 -26.22 -18.79
C ASN A 277 -4.71 -26.29 -17.32
N PHE A 279 -6.38 -25.60 -14.60
CA PHE A 279 -7.41 -25.96 -13.66
C PHE A 279 -7.96 -27.36 -13.94
N THR A 280 -7.79 -27.87 -15.17
CA THR A 280 -8.21 -29.25 -15.47
C THR A 280 -7.05 -30.23 -15.26
N LYS A 281 -5.79 -29.79 -15.40
CA LYS A 281 -4.64 -30.66 -15.23
C LYS A 281 -4.01 -30.57 -13.83
N ASN A 282 -4.52 -29.69 -12.96
CA ASN A 282 -4.12 -29.62 -11.55
C ASN A 282 -2.68 -29.13 -11.42
N ASP A 283 -2.43 -27.94 -11.95
CA ASP A 283 -1.22 -27.17 -11.70
C ASP A 283 -0.85 -27.26 -10.23
N LEU A 284 0.38 -27.68 -9.92
CA LEU A 284 0.81 -27.79 -8.53
C LEU A 284 0.72 -26.45 -7.79
N LEU A 285 0.90 -25.30 -8.48
CA LEU A 285 0.87 -24.02 -7.79
C LEU A 285 -0.52 -23.74 -7.19
N LEU A 286 -1.56 -24.40 -7.71
CA LEU A 286 -2.91 -24.22 -7.23
C LEU A 286 -3.13 -24.87 -5.86
N ASP A 287 -2.19 -25.73 -5.39
CA ASP A 287 -2.19 -26.23 -4.03
C ASP A 287 -1.78 -25.18 -2.99
N TYR A 288 -1.19 -24.05 -3.41
CA TYR A 288 -0.75 -22.98 -2.52
C TYR A 288 -1.39 -21.65 -2.91
N SER A 289 -2.37 -21.69 -3.83
CA SER A 289 -2.91 -20.50 -4.46
C SER A 289 -4.40 -20.70 -4.67
N THR A 290 -5.24 -19.86 -4.05
CA THR A 290 -6.69 -19.96 -4.11
C THR A 290 -7.23 -18.74 -4.84
N PRO A 291 -7.87 -18.83 -6.02
CA PRO A 291 -8.35 -17.64 -6.72
C PRO A 291 -9.62 -17.14 -6.05
N VAL A 292 -9.75 -15.80 -5.86
CA VAL A 292 -10.90 -15.25 -5.14
C VAL A 292 -11.69 -14.28 -6.00
N ASN A 293 -11.16 -13.84 -7.16
CA ASN A 293 -12.02 -13.11 -8.09
C ASN A 293 -11.45 -13.36 -9.49
N GLY A 294 -12.21 -12.93 -10.49
CA GLY A 294 -11.70 -12.94 -11.86
C GLY A 294 -12.70 -12.41 -12.88
N GLN A 295 -12.22 -11.54 -13.79
CA GLN A 295 -13.00 -11.08 -14.94
C GLN A 295 -12.06 -10.67 -16.06
N VAL A 296 -12.57 -10.64 -17.31
CA VAL A 296 -11.80 -10.18 -18.47
C VAL A 296 -12.38 -8.86 -18.99
N PHE A 297 -11.46 -8.01 -19.49
CA PHE A 297 -11.78 -6.69 -19.97
C PHE A 297 -11.09 -6.47 -21.31
N PHE A 298 -11.79 -5.75 -22.18
CA PHE A 298 -11.19 -5.19 -23.37
C PHE A 298 -10.49 -3.87 -23.02
N ILE A 299 -9.22 -3.75 -23.44
CA ILE A 299 -8.43 -2.54 -23.23
C ILE A 299 -8.42 -1.74 -24.53
N PRO A 300 -9.24 -0.68 -24.72
CA PRO A 300 -9.27 0.04 -25.99
C PRO A 300 -7.94 0.72 -26.33
N SER A 301 -7.64 0.85 -27.63
CA SER A 301 -6.59 1.75 -28.10
C SER A 301 -7.01 3.17 -27.77
N ILE A 302 -6.00 4.05 -27.78
CA ILE A 302 -6.15 5.49 -27.80
C ILE A 302 -7.31 5.95 -28.69
N ASP A 303 -7.36 5.41 -29.91
CA ASP A 303 -8.29 5.89 -30.93
C ASP A 303 -9.68 5.38 -30.63
N THR A 304 -9.77 4.17 -30.07
CA THR A 304 -11.07 3.66 -29.63
C THR A 304 -11.56 4.50 -28.45
N LEU A 305 -10.67 4.89 -27.51
CA LEU A 305 -11.07 5.80 -26.45
C LEU A 305 -11.62 7.11 -27.04
N ASP A 306 -10.95 7.65 -28.07
CA ASP A 306 -11.41 8.88 -28.71
C ASP A 306 -12.81 8.69 -29.34
N LYS A 307 -13.10 7.53 -29.94
CA LYS A 307 -14.42 7.27 -30.49
C LYS A 307 -15.42 7.22 -29.34
N ILE A 308 -15.05 6.63 -28.19
CA ILE A 308 -15.97 6.51 -27.06
C ILE A 308 -16.32 7.89 -26.51
N ALA A 309 -15.27 8.73 -26.29
CA ALA A 309 -15.43 10.10 -25.81
C ALA A 309 -16.34 10.94 -26.71
N ASP A 310 -16.26 10.74 -28.04
CA ASP A 310 -17.02 11.52 -29.02
C ASP A 310 -18.40 10.92 -29.30
N ASP A 311 -18.81 9.89 -28.54
CA ASP A 311 -20.17 9.32 -28.56
C ASP A 311 -20.47 8.65 -29.90
N GLU A 312 -19.52 7.86 -30.42
CA GLU A 312 -19.70 7.18 -31.69
C GLU A 312 -20.22 5.76 -31.52
N TYR A 313 -20.10 5.18 -30.32
CA TYR A 313 -20.58 3.85 -30.02
C TYR A 313 -21.83 3.91 -29.14
N VAL B 3 23.84 11.98 26.43
CA VAL B 3 22.91 11.61 25.32
C VAL B 3 23.74 11.15 24.10
N ASN B 4 23.34 10.04 23.49
CA ASN B 4 23.93 9.60 22.24
C ASN B 4 22.84 9.17 21.27
N PRO B 5 22.52 9.97 20.23
CA PRO B 5 21.52 9.56 19.25
C PRO B 5 21.86 8.30 18.45
N GLN B 6 23.11 7.84 18.45
CA GLN B 6 23.48 6.61 17.77
C GLN B 6 22.94 5.37 18.50
N ARG B 7 22.50 5.53 19.76
CA ARG B 7 21.95 4.44 20.54
C ARG B 7 20.43 4.56 20.55
N SER B 8 19.85 5.47 19.76
CA SER B 8 18.40 5.58 19.63
C SER B 8 17.92 4.67 18.52
N GLN B 9 16.64 4.26 18.55
CA GLN B 9 15.98 3.72 17.37
C GLN B 9 15.77 4.90 16.41
N ASP B 10 15.10 4.69 15.26
CA ASP B 10 14.92 5.73 14.26
C ASP B 10 13.72 6.63 14.60
N VAL B 11 13.94 7.54 15.56
CA VAL B 11 12.84 8.33 16.12
C VAL B 11 12.84 9.77 15.63
N TYR B 12 13.86 10.23 14.89
CA TYR B 12 14.14 11.66 14.95
C TYR B 12 14.25 12.35 13.57
N ARG B 13 14.03 11.60 12.47
CA ARG B 13 14.39 12.13 11.15
C ARG B 13 13.33 11.80 10.07
N ASP B 14 13.48 10.67 9.36
CA ASP B 14 12.88 10.46 8.05
C ASP B 14 11.57 9.67 8.15
N ALA B 15 10.50 10.28 7.63
CA ALA B 15 9.17 9.68 7.62
C ALA B 15 9.02 8.67 6.47
N GLY B 16 9.77 8.86 5.37
CA GLY B 16 9.92 7.82 4.38
C GLY B 16 8.83 7.77 3.30
N LYS B 17 9.23 7.22 2.16
CA LYS B 17 8.43 7.20 0.97
C LYS B 17 7.32 6.15 1.05
N ASN B 18 7.61 5.02 1.74
CA ASN B 18 6.68 3.91 1.94
C ASN B 18 6.68 3.56 3.43
N VAL B 19 5.49 3.45 4.03
CA VAL B 19 5.37 3.36 5.48
C VAL B 19 4.42 2.22 5.88
N LEU B 20 4.80 1.51 6.95
CA LEU B 20 3.95 0.52 7.55
C LEU B 20 3.81 0.82 9.06
N PHE B 21 2.54 0.89 9.54
CA PHE B 21 2.21 1.07 10.95
C PHE B 21 1.50 -0.18 11.44
N LEU B 22 2.00 -0.79 12.54
CA LEU B 22 1.42 -2.02 13.08
C LEU B 22 1.27 -1.89 14.59
N LEU B 24 -0.11 -4.28 17.80
CA LEU B 24 -0.38 -5.63 18.26
C LEU B 24 -0.81 -5.62 19.74
N SER B 25 -1.71 -6.54 20.12
CA SER B 25 -1.90 -6.86 21.53
C SER B 25 -1.32 -8.23 21.87
N LEU B 26 -0.86 -8.40 23.12
CA LEU B 26 -0.40 -9.69 23.63
C LEU B 26 -1.62 -10.52 23.99
N ASN B 27 -1.51 -11.84 23.85
CA ASN B 27 -2.66 -12.72 24.02
C ASN B 27 -3.13 -12.80 25.48
N ARG B 28 -2.25 -12.59 26.48
CA ARG B 28 -2.60 -12.64 27.90
C ARG B 28 -3.13 -14.02 28.30
N GLN B 29 -2.55 -15.06 27.66
CA GLN B 29 -2.87 -16.47 27.86
C GLN B 29 -1.75 -17.20 28.62
N ASP B 30 -0.50 -16.75 28.45
CA ASP B 30 0.67 -17.39 29.04
C ASP B 30 1.81 -16.38 29.10
N GLN B 31 1.92 -15.70 30.26
CA GLN B 31 2.83 -14.58 30.46
C GLN B 31 4.27 -15.01 30.14
N THR B 32 4.69 -16.20 30.59
CA THR B 32 6.05 -16.69 30.41
C THR B 32 6.40 -16.79 28.92
N ASN B 33 5.57 -17.49 28.14
CA ASN B 33 5.84 -17.75 26.74
C ASN B 33 5.79 -16.45 25.93
N GLU B 34 4.84 -15.58 26.27
CA GLU B 34 4.66 -14.28 25.63
C GLU B 34 5.86 -13.37 25.91
N LYS B 35 6.31 -13.32 27.17
CA LYS B 35 7.53 -12.60 27.52
C LYS B 35 8.73 -13.15 26.75
N ALA B 36 8.84 -14.48 26.66
CA ALA B 36 9.98 -15.10 26.02
C ALA B 36 10.07 -14.65 24.55
N ALA B 37 8.94 -14.49 23.87
CA ALA B 37 8.90 -14.12 22.47
C ALA B 37 9.19 -12.63 22.24
N VAL B 38 8.77 -11.75 23.16
CA VAL B 38 9.17 -10.34 23.12
C VAL B 38 10.68 -10.22 23.30
N GLU B 39 11.27 -11.08 24.16
CA GLU B 39 12.70 -11.03 24.40
C GLU B 39 13.49 -11.48 23.16
N GLU B 40 13.06 -12.56 22.50
CA GLU B 40 13.63 -12.98 21.24
C GLU B 40 13.52 -11.84 20.23
N THR B 41 12.36 -11.17 20.19
CA THR B 41 12.05 -10.17 19.19
C THR B 41 12.98 -8.95 19.34
N ALA B 42 13.29 -8.57 20.59
CA ALA B 42 14.23 -7.49 20.89
C ALA B 42 15.60 -7.74 20.25
N ASP B 43 16.06 -8.98 20.17
CA ASP B 43 17.31 -9.31 19.49
C ASP B 43 17.08 -9.38 17.98
N ARG B 44 16.07 -10.16 17.56
CA ARG B 44 15.87 -10.49 16.14
C ARG B 44 15.59 -9.22 15.31
N LEU B 45 14.87 -8.26 15.88
CA LEU B 45 14.47 -7.09 15.14
C LEU B 45 15.67 -6.26 14.70
N GLN B 46 16.72 -6.23 15.52
CA GLN B 46 17.95 -5.53 15.22
C GLN B 46 18.77 -6.29 14.17
N ALA B 47 18.75 -7.62 14.28
CA ALA B 47 19.38 -8.51 13.33
C ALA B 47 18.71 -8.39 11.95
N ILE B 48 17.39 -8.24 11.92
CA ILE B 48 16.66 -8.11 10.68
C ILE B 48 17.05 -6.81 9.98
N LYS B 49 17.06 -5.69 10.72
CA LYS B 49 17.52 -4.42 10.20
C LYS B 49 18.97 -4.51 9.69
N ARG B 50 19.88 -5.18 10.42
CA ARG B 50 21.27 -5.29 9.97
C ARG B 50 21.33 -5.94 8.58
N SER B 51 20.66 -7.08 8.42
CA SER B 51 20.62 -7.88 7.22
C SER B 51 20.07 -7.10 6.03
N LEU B 52 18.95 -6.40 6.22
CA LEU B 52 18.36 -5.65 5.11
C LEU B 52 19.22 -4.42 4.75
N ASN B 53 19.89 -3.79 5.72
CA ASN B 53 20.84 -2.70 5.48
C ASN B 53 22.08 -3.19 4.75
N VAL B 54 22.46 -4.46 4.92
CA VAL B 54 23.50 -5.05 4.09
C VAL B 54 22.95 -5.25 2.67
N ARG B 55 21.72 -5.77 2.54
CA ARG B 55 21.19 -6.14 1.25
C ARG B 55 20.80 -4.93 0.40
N TYR B 56 20.27 -3.88 1.08
CA TYR B 56 19.71 -2.74 0.38
C TYR B 56 20.21 -1.46 1.05
N PRO B 57 21.53 -1.14 0.98
CA PRO B 57 22.11 -0.03 1.75
C PRO B 57 21.69 1.36 1.28
N ASP B 58 21.12 1.47 0.07
CA ASP B 58 20.69 2.74 -0.47
C ASP B 58 19.18 2.97 -0.29
N SER B 59 18.48 2.16 0.51
CA SER B 59 17.03 2.23 0.52
C SER B 59 16.47 2.89 1.78
N HIS B 60 17.33 3.48 2.62
CA HIS B 60 16.94 4.28 3.79
C HIS B 60 15.97 3.53 4.72
N LEU B 61 16.28 2.27 5.04
CA LEU B 61 15.44 1.51 5.95
C LEU B 61 15.46 2.19 7.32
N ARG B 62 14.27 2.50 7.88
CA ARG B 62 14.12 3.09 9.20
C ARG B 62 13.08 2.30 9.98
N ILE B 63 13.37 1.99 11.26
CA ILE B 63 12.46 1.25 12.13
C ILE B 63 12.40 1.88 13.53
N ALA B 64 11.18 2.00 14.09
CA ALA B 64 10.94 2.25 15.51
C ALA B 64 9.90 1.27 16.04
N CYS B 65 10.26 0.57 17.13
CA CYS B 65 9.39 -0.41 17.78
C CYS B 65 9.13 0.02 19.22
N GLY B 66 7.89 -0.13 19.69
CA GLY B 66 7.48 0.43 20.97
C GLY B 66 6.65 -0.52 21.85
N ILE B 67 6.68 -0.22 23.17
CA ILE B 67 5.98 -0.99 24.19
C ILE B 67 5.08 -0.02 24.97
N SER B 68 3.78 -0.36 25.10
CA SER B 68 2.81 0.44 25.84
C SER B 68 2.98 0.26 27.36
N SER B 69 2.33 1.14 28.13
CA SER B 69 2.36 1.08 29.59
C SER B 69 1.79 -0.24 30.08
N LYS B 70 0.66 -0.66 29.52
CA LYS B 70 0.02 -1.91 29.90
C LYS B 70 0.94 -3.08 29.59
N ALA B 71 1.56 -3.08 28.40
CA ALA B 71 2.46 -4.16 28.06
C ALA B 71 3.63 -4.24 29.05
N TRP B 72 4.19 -3.08 29.43
CA TRP B 72 5.34 -3.00 30.31
C TRP B 72 5.00 -3.60 31.69
N ASP B 73 3.86 -3.20 32.24
CA ASP B 73 3.39 -3.70 33.55
C ASP B 73 3.15 -5.21 33.59
N TYR B 74 2.69 -5.76 32.47
CA TYR B 74 2.41 -7.18 32.31
C TYR B 74 3.69 -7.99 32.08
N LEU B 75 4.59 -7.53 31.21
CA LEU B 75 5.84 -8.22 30.87
C LEU B 75 6.89 -8.05 31.97
N PHE B 76 7.03 -6.82 32.48
CA PHE B 76 8.14 -6.44 33.34
C PHE B 76 7.63 -5.93 34.69
N PRO B 77 6.81 -6.72 35.41
CA PRO B 77 6.19 -6.21 36.63
C PRO B 77 7.19 -5.83 37.72
N GLN B 78 8.34 -6.51 37.78
CA GLN B 78 9.29 -6.33 38.86
C GLN B 78 10.30 -5.20 38.57
N ALA B 79 10.18 -4.51 37.42
CA ALA B 79 11.28 -3.74 36.86
C ALA B 79 11.05 -2.23 36.93
N PRO B 80 12.13 -1.41 36.80
CA PRO B 80 11.98 0.03 36.55
C PRO B 80 11.12 0.29 35.31
N LYS B 81 10.54 1.48 35.29
CA LYS B 81 9.67 1.89 34.21
C LYS B 81 10.08 3.30 33.79
N PRO B 82 10.08 3.63 32.48
CA PRO B 82 10.32 5.02 32.07
C PRO B 82 9.37 5.98 32.81
N LYS B 83 9.92 7.11 33.22
CA LYS B 83 9.29 8.12 34.06
C LYS B 83 7.90 8.51 33.59
N GLU B 84 7.73 8.75 32.28
CA GLU B 84 6.51 9.35 31.75
C GLU B 84 5.64 8.33 31.00
N LEU B 85 5.87 7.03 31.20
CA LEU B 85 5.12 6.00 30.47
C LEU B 85 3.79 5.71 31.18
N GLU B 86 2.66 6.06 30.52
CA GLU B 86 1.34 5.88 31.08
C GLU B 86 0.37 5.36 30.03
N ASP B 87 -0.81 4.91 30.50
CA ASP B 87 -1.87 4.43 29.64
C ASP B 87 -2.64 5.62 29.08
N PHE B 88 -2.79 5.71 27.75
CA PHE B 88 -3.64 6.71 27.14
C PHE B 88 -5.03 6.09 26.96
N THR B 89 -6.06 6.79 27.45
CA THR B 89 -7.44 6.33 27.41
C THR B 89 -8.33 7.29 26.62
N GLY B 90 -7.75 8.22 25.87
CA GLY B 90 -8.51 9.20 25.12
C GLY B 90 -8.48 10.56 25.79
N ILE B 91 -9.03 11.56 25.10
CA ILE B 91 -9.11 12.93 25.58
C ILE B 91 -10.56 13.39 25.42
N LYS B 92 -11.11 13.95 26.51
CA LYS B 92 -12.42 14.56 26.52
C LYS B 92 -12.24 16.01 26.10
N GLY B 93 -12.78 16.38 24.93
CA GLY B 93 -12.54 17.71 24.39
C GLY B 93 -13.79 18.57 24.47
N ASP B 94 -13.80 19.68 23.73
CA ASP B 94 -15.00 20.50 23.72
C ASP B 94 -15.92 19.98 22.62
N LYS B 95 -15.65 20.36 21.36
CA LYS B 95 -16.50 19.98 20.24
C LYS B 95 -16.31 18.47 19.95
N TYR B 96 -15.06 17.97 20.10
CA TYR B 96 -14.69 16.64 19.67
C TYR B 96 -13.93 15.89 20.77
N ASP B 97 -14.15 14.58 20.87
CA ASP B 97 -13.36 13.69 21.70
C ASP B 97 -12.38 12.90 20.84
N ALA B 98 -11.37 12.33 21.49
CA ALA B 98 -10.43 11.37 20.92
C ALA B 98 -10.54 10.06 21.71
N PRO B 99 -10.62 8.87 21.04
CA PRO B 99 -10.65 7.59 21.74
C PRO B 99 -9.23 7.10 22.11
N GLY B 100 -9.18 6.25 23.15
CA GLY B 100 -8.02 5.43 23.45
C GLY B 100 -8.19 4.02 22.91
N THR B 101 -7.08 3.40 22.47
CA THR B 101 -7.10 2.06 21.92
C THR B 101 -6.15 1.21 22.75
N PRO B 102 -6.63 0.16 23.45
CA PRO B 102 -5.72 -0.81 24.07
C PRO B 102 -4.80 -1.46 23.03
N ALA B 103 -3.48 -1.41 23.31
CA ALA B 103 -2.49 -2.05 22.47
C ALA B 103 -1.22 -2.25 23.27
N ASP B 104 -0.37 -3.20 22.85
CA ASP B 104 0.83 -3.58 23.60
C ASP B 104 2.16 -3.32 22.87
N LEU B 105 2.24 -3.56 21.55
CA LEU B 105 3.47 -3.35 20.80
C LEU B 105 3.18 -2.47 19.57
N PHE B 106 4.18 -1.71 19.13
CA PHE B 106 4.06 -0.79 18.01
C PHE B 106 5.28 -0.93 17.09
N PHE B 107 5.04 -0.90 15.77
CA PHE B 107 6.11 -0.83 14.78
C PHE B 107 5.80 0.24 13.74
N HIS B 108 6.84 1.06 13.46
CA HIS B 108 6.78 2.09 12.43
C HIS B 108 7.95 1.85 11.49
N VAL B 109 7.66 1.30 10.30
CA VAL B 109 8.66 0.82 9.36
C VAL B 109 8.59 1.67 8.09
N ARG B 110 9.75 2.19 7.66
CA ARG B 110 9.82 3.14 6.55
C ARG B 110 10.97 2.74 5.62
N ALA B 111 10.74 2.87 4.29
CA ALA B 111 11.78 2.61 3.30
C ALA B 111 11.42 3.22 1.94
N ASP B 112 12.46 3.27 1.09
CA ASP B 112 12.34 3.76 -0.29
C ASP B 112 11.51 2.81 -1.16
N ASP B 113 11.28 1.55 -0.73
CA ASP B 113 10.54 0.53 -1.48
C ASP B 113 9.61 -0.24 -0.52
N GLN B 114 8.40 -0.59 -0.96
CA GLN B 114 7.46 -1.34 -0.15
C GLN B 114 7.94 -2.76 0.17
N SER B 115 8.75 -3.37 -0.71
CA SER B 115 9.33 -4.69 -0.47
C SER B 115 10.07 -4.74 0.88
N LEU B 116 10.82 -3.70 1.22
CA LEU B 116 11.57 -3.71 2.49
C LEU B 116 10.63 -3.56 3.71
N THR B 117 9.55 -2.76 3.64
CA THR B 117 8.61 -2.69 4.75
C THR B 117 7.85 -4.02 4.94
N TYR B 118 7.48 -4.69 3.83
CA TYR B 118 6.89 -6.01 3.87
C TYR B 118 7.79 -7.01 4.61
N GLU B 119 9.06 -7.05 4.21
CA GLU B 119 10.02 -8.05 4.68
C GLU B 119 10.32 -7.92 6.18
N VAL B 120 10.47 -6.69 6.68
CA VAL B 120 10.70 -6.43 8.11
C VAL B 120 9.59 -7.07 8.94
N ILE B 121 8.32 -6.75 8.60
CA ILE B 121 7.17 -7.21 9.35
C ILE B 121 7.02 -8.72 9.15
N ASP B 122 7.12 -9.21 7.92
CA ASP B 122 7.02 -10.65 7.70
C ASP B 122 8.06 -11.41 8.53
N GLU B 123 9.29 -10.90 8.64
CA GLU B 123 10.31 -11.63 9.41
C GLU B 123 10.06 -11.51 10.92
N ILE B 124 9.67 -10.32 11.43
CA ILE B 124 9.36 -10.14 12.85
C ILE B 124 8.19 -11.05 13.29
N THR B 126 7.23 -13.95 12.42
CA THR B 126 7.61 -15.33 12.68
C THR B 126 7.82 -15.54 14.19
N PHE B 127 8.30 -14.51 14.90
CA PHE B 127 8.52 -14.64 16.35
C PHE B 127 7.26 -14.26 17.13
N LEU B 128 6.45 -13.33 16.62
CA LEU B 128 5.40 -12.68 17.40
C LEU B 128 3.97 -13.17 17.08
N ARG B 129 3.73 -13.82 15.93
CA ARG B 129 2.37 -14.22 15.58
C ARG B 129 1.80 -15.23 16.59
N PRO B 130 2.57 -16.20 17.13
CA PRO B 130 2.00 -17.16 18.09
C PRO B 130 1.54 -16.57 19.43
N VAL B 131 1.90 -15.31 19.73
CA VAL B 131 1.63 -14.70 21.03
C VAL B 131 0.90 -13.37 20.91
N THR B 132 0.40 -13.01 19.71
CA THR B 132 -0.26 -11.72 19.54
C THR B 132 -1.49 -11.81 18.65
N LYS B 133 -2.27 -10.72 18.65
CA LYS B 133 -3.31 -10.42 17.69
C LYS B 133 -3.10 -9.01 17.17
N VAL B 134 -3.66 -8.70 16.00
CA VAL B 134 -3.45 -7.41 15.38
C VAL B 134 -4.55 -6.45 15.86
N VAL B 135 -4.13 -5.26 16.33
CA VAL B 135 -5.05 -4.22 16.70
C VAL B 135 -5.31 -3.32 15.49
N ASP B 136 -4.26 -2.76 14.88
CA ASP B 136 -4.36 -2.00 13.64
C ASP B 136 -3.13 -2.26 12.77
N GLU B 137 -3.37 -2.31 11.45
CA GLU B 137 -2.31 -2.32 10.46
C GLU B 137 -2.65 -1.29 9.41
N THR B 138 -1.82 -0.23 9.26
CA THR B 138 -2.09 0.77 8.23
C THR B 138 -0.86 0.91 7.33
N HIS B 139 -1.10 1.02 6.03
CA HIS B 139 -0.06 1.24 5.02
C HIS B 139 -0.12 2.66 4.53
N GLY B 140 1.00 3.42 4.63
CA GLY B 140 1.06 4.83 4.29
C GLY B 140 2.14 5.15 3.24
N PHE B 141 2.11 6.39 2.75
CA PHE B 141 3.02 6.77 1.68
C PHE B 141 3.30 8.28 1.78
N ARG B 142 4.42 8.72 1.19
CA ARG B 142 4.72 10.14 1.00
C ARG B 142 3.99 10.68 -0.23
N TYR B 143 3.19 11.74 -0.02
CA TYR B 143 2.51 12.45 -1.11
C TYR B 143 3.47 13.46 -1.77
N PHE B 144 3.01 14.09 -2.85
CA PHE B 144 3.84 15.03 -3.61
C PHE B 144 4.49 16.09 -2.73
N GLU B 145 5.81 16.26 -2.89
CA GLU B 145 6.61 17.23 -2.17
C GLU B 145 6.51 17.08 -0.65
N GLY B 146 6.27 15.87 -0.12
CA GLY B 146 6.12 15.68 1.33
C GLY B 146 4.92 16.43 1.90
N ARG B 147 3.90 16.70 1.07
CA ARG B 147 2.70 17.34 1.56
C ARG B 147 1.83 16.30 2.27
N ALA B 148 1.09 16.74 3.29
CA ALA B 148 0.07 15.86 3.84
C ALA B 148 -1.02 15.72 2.77
N ILE B 149 -1.89 14.72 2.93
CA ILE B 149 -2.84 14.40 1.89
C ILE B 149 -3.81 15.55 1.66
N ILE B 150 -3.95 16.45 2.64
CA ILE B 150 -4.73 17.67 2.48
C ILE B 150 -4.02 18.71 1.59
N GLY B 151 -2.73 18.54 1.25
CA GLY B 151 -2.05 19.35 0.24
C GLY B 151 -1.12 20.44 0.81
N PHE B 152 -0.90 20.41 2.13
CA PHE B 152 0.02 21.32 2.80
C PHE B 152 1.25 20.56 3.26
N VAL B 153 2.40 21.23 3.20
CA VAL B 153 3.68 20.63 3.50
C VAL B 153 3.64 20.14 4.95
N ASP B 154 4.07 18.90 5.13
CA ASP B 154 4.07 18.21 6.41
C ASP B 154 5.45 18.30 7.06
N GLY B 155 5.53 19.03 8.19
CA GLY B 155 6.64 18.94 9.14
C GLY B 155 7.61 20.13 9.13
N THR B 156 7.20 21.28 8.58
CA THR B 156 8.06 22.43 8.38
C THR B 156 8.62 22.95 9.70
N GLU B 157 7.79 22.98 10.74
CA GLU B 157 8.24 23.47 12.04
C GLU B 157 8.78 22.36 12.93
N ASN B 158 9.06 21.16 12.37
CA ASN B 158 9.75 20.14 13.14
C ASN B 158 11.16 20.62 13.55
N PRO B 159 11.66 20.27 14.76
CA PRO B 159 13.06 20.53 15.08
C PRO B 159 13.95 19.66 14.21
N VAL B 160 15.13 20.17 13.81
CA VAL B 160 16.05 19.47 12.93
C VAL B 160 17.44 19.46 13.57
N ASP B 161 18.31 18.54 13.13
CA ASP B 161 19.68 18.46 13.66
C ASP B 161 19.69 18.48 15.21
N ALA B 162 20.35 19.43 15.88
CA ALA B 162 20.59 19.34 17.32
C ALA B 162 19.28 19.51 18.09
N ASP B 163 18.37 20.30 17.51
CA ASP B 163 17.04 20.53 18.09
C ASP B 163 16.27 19.22 18.12
N ALA B 164 16.45 18.35 17.12
CA ALA B 164 15.72 17.07 17.07
C ALA B 164 16.22 16.13 18.17
N VAL B 165 17.52 16.12 18.45
CA VAL B 165 18.02 15.35 19.56
C VAL B 165 17.48 15.92 20.89
N GLU B 166 17.60 17.24 21.07
CA GLU B 166 17.14 17.96 22.25
C GLU B 166 15.70 17.57 22.58
N TRP B 167 14.82 17.51 21.58
CA TRP B 167 13.39 17.35 21.80
C TRP B 167 12.89 15.93 21.52
N GLY B 168 13.73 15.05 20.96
CA GLY B 168 13.27 13.78 20.43
C GLY B 168 13.48 12.60 21.38
N ILE B 169 14.54 12.64 22.19
CA ILE B 169 15.03 11.48 22.93
C ILE B 169 15.31 11.86 24.39
N ILE B 170 15.19 10.87 25.29
CA ILE B 170 15.39 11.01 26.72
C ILE B 170 16.87 11.28 27.04
N HIS B 171 17.15 12.29 27.86
CA HIS B 171 18.51 12.62 28.28
C HIS B 171 18.74 12.16 29.73
N GLU B 172 19.55 12.89 30.51
CA GLU B 172 19.98 12.56 31.86
C GLU B 172 18.87 12.58 32.93
N GLU B 173 17.68 13.13 32.63
CA GLU B 173 16.56 13.11 33.57
C GLU B 173 16.08 11.70 33.95
N ASP B 174 16.24 10.70 33.06
CA ASP B 174 15.78 9.33 33.30
C ASP B 174 16.89 8.37 32.85
N PRO B 175 18.04 8.30 33.59
CA PRO B 175 19.25 7.67 33.07
C PRO B 175 19.14 6.19 32.68
N GLU B 176 18.35 5.39 33.41
CA GLU B 176 18.07 4.00 33.03
C GLU B 176 17.62 3.89 31.57
N PHE B 177 16.85 4.89 31.09
CA PHE B 177 16.19 4.81 29.80
C PHE B 177 16.66 5.91 28.84
N GLU B 178 17.81 6.53 29.11
CA GLU B 178 18.41 7.54 28.26
C GLU B 178 18.50 7.00 26.82
N ASN B 179 18.26 7.89 25.83
CA ASN B 179 18.21 7.67 24.39
C ASN B 179 16.96 6.91 23.95
N GLY B 180 16.01 6.68 24.87
CA GLY B 180 14.67 6.25 24.47
C GLY B 180 13.79 7.44 24.06
N SER B 181 12.53 7.15 23.69
CA SER B 181 11.60 8.15 23.20
C SER B 181 10.19 7.68 23.57
N TYR B 182 9.26 8.62 23.65
CA TYR B 182 7.84 8.32 23.75
C TYR B 182 7.20 8.61 22.39
N ALA B 183 6.41 7.63 21.87
CA ALA B 183 5.80 7.74 20.55
C ALA B 183 4.29 7.64 20.69
N PHE B 184 3.56 8.63 20.15
CA PHE B 184 2.09 8.62 20.15
C PHE B 184 1.56 8.41 18.74
N ALA B 185 0.79 7.33 18.55
CA ALA B 185 0.20 6.95 17.27
C ALA B 185 -1.27 7.34 17.29
N GLN B 186 -1.77 8.01 16.24
CA GLN B 186 -3.16 8.43 16.20
C GLN B 186 -3.65 8.47 14.75
N LYS B 187 -4.51 7.53 14.39
CA LYS B 187 -5.00 7.41 13.02
C LYS B 187 -6.22 8.29 12.83
N TYR B 188 -6.19 9.21 11.84
CA TYR B 188 -7.34 10.04 11.49
C TYR B 188 -7.92 9.73 10.11
N LEU B 189 -9.26 9.70 10.00
CA LEU B 189 -9.95 9.76 8.72
C LEU B 189 -10.23 11.23 8.37
N HIS B 190 -10.05 11.61 7.10
CA HIS B 190 -10.44 12.92 6.61
C HIS B 190 -11.78 12.89 5.87
N GLN B 191 -12.45 14.04 5.87
CA GLN B 191 -13.65 14.27 5.09
C GLN B 191 -13.22 15.03 3.84
N ASP B 193 -14.16 15.27 0.80
CA ASP B 193 -15.15 15.95 -0.03
C ASP B 193 -15.37 17.38 0.49
N ALA B 194 -15.62 17.49 1.81
CA ALA B 194 -15.80 18.78 2.46
C ALA B 194 -14.55 19.64 2.31
N TRP B 195 -13.38 19.03 2.57
CA TRP B 195 -12.11 19.75 2.46
C TRP B 195 -11.89 20.27 1.04
N LYS B 196 -12.19 19.43 0.03
CA LYS B 196 -11.95 19.83 -1.36
C LYS B 196 -12.89 20.95 -1.80
N SER B 197 -14.04 21.13 -1.13
CA SER B 197 -14.99 22.16 -1.51
C SER B 197 -14.63 23.54 -0.94
N LEU B 198 -13.69 23.62 0.02
CA LEU B 198 -13.20 24.90 0.50
C LEU B 198 -12.36 25.56 -0.59
N SER B 199 -12.32 26.89 -0.60
CA SER B 199 -11.34 27.63 -1.37
C SER B 199 -9.94 27.45 -0.77
N THR B 200 -8.93 27.77 -1.58
CA THR B 200 -7.55 27.70 -1.15
C THR B 200 -7.36 28.57 0.10
N GLU B 201 -7.94 29.77 0.06
CA GLU B 201 -7.82 30.74 1.13
C GLU B 201 -8.51 30.23 2.41
N GLN B 202 -9.63 29.51 2.29
CA GLN B 202 -10.33 28.95 3.42
C GLN B 202 -9.49 27.83 4.06
N GLN B 203 -8.80 27.02 3.23
CA GLN B 203 -7.92 26.00 3.74
C GLN B 203 -6.72 26.60 4.47
N GLU B 204 -6.21 27.72 3.95
CA GLU B 204 -5.08 28.41 4.56
C GLU B 204 -5.44 28.95 5.95
N GLN B 205 -6.70 29.35 6.16
CA GLN B 205 -7.16 29.79 7.47
C GLN B 205 -7.19 28.63 8.47
N VAL B 206 -7.54 27.44 8.00
CA VAL B 206 -7.63 26.27 8.86
C VAL B 206 -6.21 25.89 9.34
N ILE B 207 -5.22 25.99 8.45
CA ILE B 207 -3.88 25.51 8.73
C ILE B 207 -3.00 26.57 9.41
N GLY B 208 -3.07 27.83 8.94
CA GLY B 208 -2.19 28.88 9.45
C GLY B 208 -0.97 29.16 8.55
N ARG B 209 -0.95 28.56 7.34
CA ARG B 209 0.11 28.81 6.37
C ARG B 209 -0.47 28.84 4.95
N ARG B 210 0.31 29.46 4.03
CA ARG B 210 0.00 29.51 2.61
C ARG B 210 0.20 28.13 2.01
N LYS B 211 -0.62 27.77 1.03
CA LYS B 211 -0.64 26.39 0.58
C LYS B 211 0.56 26.12 -0.32
N PHE B 212 0.75 26.93 -1.37
CA PHE B 212 1.70 26.64 -2.43
C PHE B 212 3.13 26.86 -1.97
N THR B 213 3.41 28.03 -1.37
CA THR B 213 4.75 28.40 -0.92
C THR B 213 5.05 27.85 0.49
N ASP B 214 4.01 27.52 1.26
CA ASP B 214 4.20 27.08 2.64
C ASP B 214 4.77 28.17 3.58
N LEU B 215 4.70 29.45 3.19
CA LEU B 215 5.07 30.52 4.11
C LEU B 215 4.02 30.64 5.21
N GLU B 216 4.48 30.72 6.47
CA GLU B 216 3.58 30.90 7.59
C GLU B 216 2.83 32.22 7.38
N GLN B 217 1.54 32.25 7.72
CA GLN B 217 0.78 33.50 7.73
C GLN B 217 1.32 34.39 8.85
N GLY B 218 1.29 35.72 8.64
CA GLY B 218 1.51 36.67 9.72
C GLY B 218 0.42 36.49 10.78
N ASP B 219 0.78 36.57 12.07
CA ASP B 219 -0.17 36.27 13.15
C ASP B 219 -1.40 37.17 13.04
N GLU B 220 -1.20 38.39 12.53
CA GLU B 220 -2.30 39.34 12.32
C GLU B 220 -3.39 38.73 11.43
N ASP B 221 -3.01 37.87 10.46
CA ASP B 221 -3.94 37.28 9.52
C ASP B 221 -4.44 35.90 9.94
N LYS B 222 -3.88 35.28 10.97
CA LYS B 222 -4.29 33.93 11.34
C LYS B 222 -5.63 33.93 12.06
N ASN B 223 -6.43 32.87 11.82
CA ASN B 223 -7.48 32.47 12.75
C ASN B 223 -6.81 31.92 14.02
N GLN B 224 -7.37 32.28 15.19
CA GLN B 224 -6.82 31.84 16.47
C GLN B 224 -7.07 30.35 16.72
N ARG B 225 -8.00 29.71 15.98
CA ARG B 225 -8.19 28.27 16.06
C ARG B 225 -7.45 27.53 14.95
N ALA B 226 -6.56 28.21 14.22
CA ALA B 226 -5.78 27.56 13.18
C ALA B 226 -4.87 26.48 13.78
N HIS B 227 -4.67 25.41 13.00
CA HIS B 227 -3.94 24.24 13.47
C HIS B 227 -2.59 24.62 14.05
N ASN B 228 -1.82 25.47 13.36
CA ASN B 228 -0.47 25.77 13.82
C ASN B 228 -0.43 26.78 14.99
N VAL B 229 -1.59 27.25 15.46
CA VAL B 229 -1.67 28.04 16.68
C VAL B 229 -2.00 27.16 17.90
N VAL B 230 -3.09 26.40 17.84
CA VAL B 230 -3.60 25.69 19.00
C VAL B 230 -2.75 24.45 19.31
N SER B 231 -2.14 23.83 18.27
CA SER B 231 -1.32 22.64 18.42
C SER B 231 0.01 22.92 19.15
N GLN B 232 0.39 24.19 19.37
CA GLN B 232 1.63 24.53 20.08
C GLN B 232 1.52 24.22 21.58
N ASP B 233 2.71 24.07 22.21
CA ASP B 233 2.89 23.97 23.66
C ASP B 233 3.91 25.06 24.04
N ASN B 234 3.41 26.16 24.61
CA ASN B 234 4.25 27.34 24.86
C ASN B 234 4.35 27.63 26.36
N ARG B 235 4.04 26.63 27.22
CA ARG B 235 4.06 26.78 28.66
C ARG B 235 5.39 27.37 29.16
N ASN B 236 5.27 28.32 30.10
CA ASN B 236 6.38 28.91 30.81
C ASN B 236 7.21 29.80 29.88
N ASP B 237 6.60 30.25 28.76
CA ASP B 237 7.25 30.96 27.68
C ASP B 237 8.41 30.17 27.07
N VAL B 238 8.26 28.83 27.00
CA VAL B 238 9.16 27.97 26.25
C VAL B 238 8.36 27.35 25.10
N GLU B 239 8.95 27.27 23.90
CA GLU B 239 8.27 26.67 22.75
C GLU B 239 8.69 25.20 22.63
N HIS B 240 7.93 24.32 23.30
CA HIS B 240 8.17 22.89 23.39
C HIS B 240 7.92 22.22 22.04
N LYS B 241 8.77 21.23 21.69
CA LYS B 241 8.69 20.54 20.41
C LYS B 241 8.59 19.02 20.57
N ILE B 242 8.05 18.38 19.51
CA ILE B 242 8.21 16.95 19.26
C ILE B 242 8.53 16.77 17.77
N ILE B 243 8.80 15.51 17.38
CA ILE B 243 9.10 15.22 15.98
C ILE B 243 7.88 14.53 15.35
N ARG B 244 7.19 15.24 14.45
CA ARG B 244 6.00 14.74 13.79
C ARG B 244 6.37 14.17 12.42
N ASN B 246 4.03 12.61 10.17
CA ASN B 246 2.69 12.28 9.70
C ASN B 246 2.70 11.73 8.27
N VAL B 247 1.70 10.87 7.97
CA VAL B 247 1.73 9.97 6.84
C VAL B 247 0.33 9.86 6.23
N PRO B 248 0.11 10.26 4.94
CA PRO B 248 -1.11 9.87 4.23
C PRO B 248 -1.34 8.34 4.16
N PHE B 249 -2.61 7.90 4.26
CA PHE B 249 -3.04 6.55 3.87
C PHE B 249 -4.32 6.71 3.06
N SER B 250 -4.58 5.82 2.09
CA SER B 250 -5.74 5.98 1.23
C SER B 250 -6.07 4.67 0.51
N ASP B 251 -7.38 4.41 0.45
CA ASP B 251 -7.97 3.57 -0.59
C ASP B 251 -8.76 4.51 -1.47
N PRO B 252 -8.15 5.05 -2.56
CA PRO B 252 -8.79 6.11 -3.35
C PRO B 252 -9.93 5.66 -4.25
N GLY B 253 -10.01 4.38 -4.61
CA GLY B 253 -11.20 3.83 -5.22
C GLY B 253 -12.43 3.93 -4.31
N GLU B 254 -12.29 3.42 -3.07
CA GLU B 254 -13.34 3.46 -2.05
C GLU B 254 -13.58 4.86 -1.47
N ASN B 255 -12.68 5.83 -1.73
CA ASN B 255 -12.77 7.16 -1.14
C ASN B 255 -12.63 7.11 0.38
N VAL B 256 -11.67 6.32 0.88
CA VAL B 256 -11.34 6.28 2.29
C VAL B 256 -9.88 6.72 2.47
N THR B 257 -9.71 7.96 2.97
CA THR B 257 -8.43 8.64 2.98
C THR B 257 -8.22 9.31 4.33
N GLY B 258 -6.96 9.33 4.81
CA GLY B 258 -6.65 9.92 6.09
C GLY B 258 -5.16 10.20 6.29
N THR B 259 -4.84 10.66 7.51
CA THR B 259 -3.50 10.91 7.98
C THR B 259 -3.28 10.09 9.24
N TYR B 260 -2.17 9.35 9.28
CA TYR B 260 -1.78 8.62 10.46
C TYR B 260 -0.74 9.48 11.15
N PHE B 261 -1.10 10.10 12.29
CA PHE B 261 -0.17 10.89 13.07
C PHE B 261 0.79 9.97 13.83
N ILE B 262 2.07 10.33 13.81
CA ILE B 262 3.09 9.69 14.63
C ILE B 262 4.03 10.80 15.13
N GLY B 263 4.12 10.93 16.46
CA GLY B 263 4.90 11.98 17.12
C GLY B 263 5.83 11.42 18.20
N TYR B 264 7.13 11.68 18.01
CA TYR B 264 8.16 11.16 18.87
C TYR B 264 8.66 12.32 19.73
N GLY B 265 8.72 12.10 21.05
CA GLY B 265 9.20 13.15 21.94
C GLY B 265 10.04 12.62 23.09
N ARG B 266 10.96 13.47 23.56
CA ARG B 266 11.63 13.33 24.84
C ARG B 266 10.63 13.33 25.99
N TYR B 267 9.56 14.14 25.85
CA TYR B 267 8.55 14.29 26.89
C TYR B 267 7.16 13.91 26.36
N TRP B 268 6.59 12.81 26.86
CA TRP B 268 5.17 12.51 26.64
C TRP B 268 4.29 13.67 27.10
N ASP B 269 4.72 14.35 28.17
CA ASP B 269 4.02 15.50 28.72
C ASP B 269 3.80 16.60 27.67
N VAL B 270 4.71 16.73 26.67
CA VAL B 270 4.57 17.78 25.67
C VAL B 270 3.51 17.37 24.66
N THR B 271 3.65 16.18 24.07
CA THR B 271 2.62 15.64 23.18
C THR B 271 1.21 15.74 23.78
N LYS B 272 1.07 15.32 25.06
CA LYS B 272 -0.23 15.22 25.71
C LYS B 272 -0.86 16.60 25.85
N THR B 273 -0.02 17.61 26.14
CA THR B 273 -0.43 19.00 26.25
C THR B 273 -0.86 19.56 24.89
N LEU B 275 -2.07 17.87 22.42
CA LEU B 275 -3.28 17.13 22.09
C LEU B 275 -4.47 17.68 22.88
N THR B 276 -4.26 17.97 24.17
CA THR B 276 -5.27 18.59 25.03
C THR B 276 -5.65 19.99 24.51
N ASN B 277 -4.65 20.80 24.15
CA ASN B 277 -4.91 22.11 23.53
C ASN B 277 -5.77 22.00 22.27
N PHE B 279 -7.95 19.75 21.35
CA PHE B 279 -9.25 19.15 21.51
C PHE B 279 -10.13 19.97 22.47
N THR B 280 -9.52 20.80 23.33
CA THR B 280 -10.30 21.67 24.21
C THR B 280 -10.51 23.05 23.55
N LYS B 281 -9.60 23.48 22.66
CA LYS B 281 -9.72 24.79 22.00
C LYS B 281 -10.35 24.70 20.60
N ASN B 282 -10.66 23.49 20.12
CA ASN B 282 -11.39 23.28 18.88
C ASN B 282 -10.56 23.73 17.66
N ASP B 283 -9.38 23.12 17.53
CA ASP B 283 -8.58 23.17 16.32
C ASP B 283 -9.48 23.04 15.09
N LEU B 284 -9.39 24.00 14.16
CA LEU B 284 -10.21 23.95 12.95
C LEU B 284 -9.95 22.69 12.15
N LEU B 285 -8.73 22.10 12.18
CA LEU B 285 -8.45 20.93 11.37
C LEU B 285 -9.30 19.73 11.82
N LEU B 286 -9.79 19.76 13.07
CA LEU B 286 -10.61 18.69 13.61
C LEU B 286 -12.03 18.68 13.00
N ASP B 287 -12.43 19.74 12.29
CA ASP B 287 -13.66 19.75 11.50
C ASP B 287 -13.57 18.90 10.22
N TYR B 288 -12.35 18.52 9.80
CA TYR B 288 -12.14 17.72 8.60
C TYR B 288 -11.37 16.45 8.94
N SER B 289 -11.20 16.16 10.24
CA SER B 289 -10.31 15.10 10.70
C SER B 289 -10.94 14.44 11.91
N THR B 290 -11.24 13.13 11.82
CA THR B 290 -11.89 12.38 12.88
C THR B 290 -10.91 11.32 13.39
N PRO B 291 -10.44 11.36 14.67
CA PRO B 291 -9.48 10.36 15.14
C PRO B 291 -10.20 9.04 15.40
N VAL B 292 -9.60 7.90 14.98
CA VAL B 292 -10.26 6.60 15.12
C VAL B 292 -9.46 5.63 15.97
N ASN B 293 -8.18 5.92 16.28
CA ASN B 293 -7.50 5.14 17.29
C ASN B 293 -6.44 6.03 17.93
N GLY B 294 -5.84 5.55 19.02
CA GLY B 294 -4.70 6.24 19.59
C GLY B 294 -4.14 5.53 20.82
N GLN B 295 -2.79 5.41 20.88
CA GLN B 295 -2.09 4.92 22.05
C GLN B 295 -0.66 5.47 22.06
N VAL B 296 -0.03 5.49 23.25
CA VAL B 296 1.38 5.91 23.39
C VAL B 296 2.25 4.72 23.77
N PHE B 297 3.48 4.76 23.26
CA PHE B 297 4.45 3.69 23.43
C PHE B 297 5.80 4.31 23.82
N PHE B 298 6.49 3.59 24.67
CA PHE B 298 7.90 3.84 24.93
C PHE B 298 8.74 3.15 23.86
N ILE B 299 9.65 3.92 23.23
CA ILE B 299 10.58 3.40 22.22
C ILE B 299 11.93 3.17 22.87
N PRO B 300 12.31 1.93 23.26
CA PRO B 300 13.60 1.73 23.95
C PRO B 300 14.81 2.09 23.09
N SER B 301 15.90 2.53 23.74
CA SER B 301 17.20 2.59 23.10
C SER B 301 17.64 1.18 22.76
N ILE B 302 18.61 1.10 21.84
CA ILE B 302 19.40 -0.08 21.55
C ILE B 302 19.77 -0.86 22.82
N ASP B 303 20.26 -0.14 23.83
CA ASP B 303 20.82 -0.77 25.01
C ASP B 303 19.72 -1.28 25.90
N THR B 304 18.57 -0.57 25.91
CA THR B 304 17.41 -1.07 26.63
C THR B 304 16.88 -2.33 25.94
N LEU B 305 16.85 -2.35 24.59
CA LEU B 305 16.50 -3.58 23.89
C LEU B 305 17.45 -4.73 24.30
N ASP B 306 18.75 -4.46 24.40
CA ASP B 306 19.71 -5.49 24.80
C ASP B 306 19.42 -6.00 26.22
N LYS B 307 19.02 -5.12 27.16
CA LYS B 307 18.64 -5.54 28.50
C LYS B 307 17.39 -6.42 28.42
N ILE B 308 16.43 -6.08 27.55
CA ILE B 308 15.19 -6.83 27.43
C ILE B 308 15.47 -8.24 26.92
N ALA B 309 16.27 -8.33 25.82
CA ALA B 309 16.68 -9.59 25.21
C ALA B 309 17.39 -10.51 26.21
N ASP B 310 18.21 -9.94 27.13
CA ASP B 310 19.00 -10.72 28.08
C ASP B 310 18.23 -11.00 29.38
N ASP B 311 16.93 -10.66 29.44
CA ASP B 311 16.01 -11.02 30.51
C ASP B 311 16.39 -10.32 31.82
N GLU B 312 16.69 -9.01 31.75
CA GLU B 312 17.08 -8.25 32.91
C GLU B 312 15.90 -7.51 33.55
N TYR B 313 14.80 -7.34 32.81
CA TYR B 313 13.60 -6.70 33.30
C TYR B 313 12.49 -7.72 33.54
#